data_6W5J
#
_entry.id   6W5J
#
_cell.length_a   37.469
_cell.length_b   34.986
_cell.length_c   111.473
_cell.angle_alpha   90.000
_cell.angle_beta   97.600
_cell.angle_gamma   90.000
#
_symmetry.space_group_name_H-M   'P 1 21 1'
#
loop_
_entity.id
_entity.type
_entity.pdbx_description
1 polymer '3C-LIKE PROTEASE'
2 non-polymer '2-(3-chlorophenyl)-2-methylpropyl [(2S)-3-cyclohexyl-1-({(1R,2S)-1-hydroxy-3-[(3S)-2-oxopyrrolidin-3-yl]-1-sulfanylpropan-2-yl}amino)-1-oxopropan-2-yl]carbamate'
3 water water
#
_entity_poly.entity_id   1
_entity_poly.type   'polypeptide(L)'
_entity_poly.pdbx_seq_one_letter_code
;HHHHHHAPPTLWSRVTKFGSGWGFWVSPTVFITTTHVVPTGVKEFFGEPLSSIAIHQAGEFTQFRFSKKMRPDLTGMVLE
EGCPEGTVCSVLIKRDSGELLPLAVRMGAIASMRIQGRLVHGQSGMLLTGANAKGMDLGTIPGDCGAPYVHKRGNDWVVC
GVHAAATKSGNTVVCAVQAGEGETALE
;
_entity_poly.pdbx_strand_id   A,B
#
loop_
_chem_comp.id
_chem_comp.type
_chem_comp.name
_chem_comp.formula
TKS non-polymer '2-(3-chlorophenyl)-2-methylpropyl [(2S)-3-cyclohexyl-1-({(1R,2S)-1-hydroxy-3-[(3S)-2-oxopyrrolidin-3-yl]-1-sulfanylpropan-2-yl}amino)-1-oxopropan-2-yl]carbamate' 'C27 H40 Cl N3 O5 S'
#
# COMPACT_ATOMS: atom_id res chain seq x y z
N HIS A 6 -5.47 7.21 13.71
CA HIS A 6 -5.54 5.90 13.00
C HIS A 6 -5.98 6.10 11.55
N ALA A 7 -5.03 6.25 10.66
CA ALA A 7 -5.34 6.48 9.25
C ALA A 7 -6.06 5.28 8.66
N PRO A 8 -7.17 5.47 7.96
CA PRO A 8 -7.89 4.34 7.39
C PRO A 8 -7.23 3.84 6.12
N PRO A 9 -7.62 2.65 5.66
CA PRO A 9 -6.99 2.10 4.44
C PRO A 9 -7.00 3.07 3.27
N THR A 10 -8.13 3.72 2.99
CA THR A 10 -8.20 4.58 1.81
C THR A 10 -7.21 5.73 1.89
N LEU A 11 -6.93 6.25 3.10
CA LEU A 11 -5.95 7.31 3.22
C LEU A 11 -4.54 6.80 2.94
N TRP A 12 -4.22 5.60 3.43
CA TRP A 12 -2.96 4.98 3.06
C TRP A 12 -2.89 4.70 1.56
N SER A 13 -4.02 4.40 0.92
CA SER A 13 -3.99 4.11 -0.51
C SER A 13 -3.57 5.32 -1.33
N ARG A 14 -3.59 6.51 -0.73
CA ARG A 14 -3.13 7.71 -1.41
C ARG A 14 -1.61 7.80 -1.47
N VAL A 15 -0.93 7.07 -0.60
CA VAL A 15 0.53 7.08 -0.57
C VAL A 15 1.05 6.18 -1.69
N THR A 16 1.86 6.75 -2.58
CA THR A 16 2.16 6.17 -3.87
C THR A 16 3.65 6.23 -4.17
N LYS A 17 4.21 5.11 -4.62
CA LYS A 17 5.61 5.11 -5.01
C LYS A 17 5.84 6.13 -6.13
N PHE A 18 6.91 6.90 -6.00
CA PHE A 18 7.18 7.98 -6.96
C PHE A 18 8.65 8.33 -6.94
N GLY A 19 9.31 8.22 -8.10
CA GLY A 19 10.72 8.55 -8.18
C GLY A 19 11.56 7.80 -7.16
N SER A 20 12.42 8.53 -6.46
CA SER A 20 13.24 7.95 -5.40
C SER A 20 12.56 7.98 -4.04
N GLY A 21 11.26 8.24 -4.01
CA GLY A 21 10.53 8.31 -2.76
C GLY A 21 9.05 8.03 -2.96
N TRP A 22 8.21 8.89 -2.41
CA TRP A 22 6.76 8.72 -2.41
C TRP A 22 6.08 10.03 -2.74
N GLY A 23 4.82 9.93 -3.09
CA GLY A 23 3.96 11.09 -3.14
C GLY A 23 2.58 10.73 -2.63
N PHE A 24 1.65 11.67 -2.71
CA PHE A 24 0.36 11.56 -2.03
C PHE A 24 -0.73 12.21 -2.85
N TRP A 25 -1.78 11.44 -3.13
CA TRP A 25 -2.95 11.95 -3.86
C TRP A 25 -3.84 12.73 -2.87
N VAL A 26 -3.85 14.06 -3.02
CA VAL A 26 -4.77 14.89 -2.25
C VAL A 26 -6.18 14.76 -2.79
N SER A 27 -6.31 14.52 -4.09
CA SER A 27 -7.59 14.45 -4.77
C SER A 27 -7.41 13.60 -6.02
N PRO A 28 -8.46 13.40 -6.83
CA PRO A 28 -8.29 12.58 -8.04
C PRO A 28 -7.28 13.17 -9.00
N THR A 29 -6.97 14.46 -8.90
CA THR A 29 -6.11 15.15 -9.84
C THR A 29 -4.91 15.83 -9.22
N VAL A 30 -4.84 15.94 -7.89
CA VAL A 30 -3.76 16.66 -7.22
C VAL A 30 -2.86 15.68 -6.46
N PHE A 31 -1.57 15.76 -6.76
CA PHE A 31 -0.53 14.88 -6.25
C PHE A 31 0.57 15.77 -5.68
N ILE A 32 1.00 15.48 -4.45
CA ILE A 32 2.08 16.23 -3.83
C ILE A 32 3.24 15.31 -3.47
N THR A 33 4.44 15.88 -3.51
CA THR A 33 5.65 15.13 -3.21
C THR A 33 6.75 16.10 -2.81
N THR A 34 7.90 15.53 -2.46
CA THR A 34 9.08 16.29 -2.09
C THR A 34 9.89 16.55 -3.35
N THR A 35 10.35 17.79 -3.53
CA THR A 35 10.94 18.16 -4.81
C THR A 35 12.14 17.29 -5.16
N HIS A 36 12.98 16.95 -4.18
CA HIS A 36 14.22 16.25 -4.53
C HIS A 36 13.99 14.80 -4.94
N VAL A 37 12.80 14.24 -4.76
CA VAL A 37 12.55 12.89 -5.25
C VAL A 37 11.92 12.88 -6.65
N VAL A 38 11.52 14.03 -7.17
CA VAL A 38 10.81 14.06 -8.46
C VAL A 38 11.75 13.63 -9.57
N PRO A 39 11.33 12.75 -10.47
CA PRO A 39 12.21 12.34 -11.58
C PRO A 39 12.46 13.49 -12.54
N THR A 40 13.70 13.59 -13.00
CA THR A 40 14.07 14.60 -13.99
C THR A 40 14.27 13.96 -15.36
N GLY A 41 14.04 14.76 -16.41
CA GLY A 41 14.30 14.34 -17.77
C GLY A 41 13.16 13.60 -18.45
N VAL A 42 12.03 13.41 -17.77
CA VAL A 42 10.95 12.62 -18.33
C VAL A 42 10.02 13.53 -19.12
N LYS A 43 9.18 12.91 -19.92
CA LYS A 43 8.18 13.61 -20.73
C LYS A 43 6.77 13.24 -20.28
N GLU A 44 6.63 12.52 -19.17
CA GLU A 44 5.35 12.08 -18.66
C GLU A 44 5.46 11.76 -17.17
N PHE A 45 4.35 11.88 -16.47
CA PHE A 45 4.17 11.30 -15.13
C PHE A 45 2.93 10.43 -15.14
N PHE A 46 3.06 9.20 -14.63
CA PHE A 46 1.94 8.26 -14.61
C PHE A 46 1.30 8.13 -15.99
N GLY A 47 2.12 8.22 -17.03
CA GLY A 47 1.65 8.10 -18.39
C GLY A 47 1.05 9.36 -19.00
N GLU A 48 0.91 10.44 -18.23
CA GLU A 48 0.33 11.67 -18.75
C GLU A 48 1.42 12.59 -19.26
N PRO A 49 1.22 13.20 -20.42
CA PRO A 49 2.22 14.17 -20.91
C PRO A 49 2.27 15.41 -20.04
N LEU A 50 3.48 15.96 -19.95
CA LEU A 50 3.67 17.19 -19.17
C LEU A 50 2.74 18.30 -19.64
N SER A 51 2.48 18.37 -20.93
CA SER A 51 1.55 19.38 -21.44
C SER A 51 0.23 19.33 -20.68
N SER A 52 -0.12 18.15 -20.16
CA SER A 52 -1.39 17.90 -19.51
C SER A 52 -1.31 18.04 -17.99
N ILE A 53 -0.24 18.62 -17.45
CA ILE A 53 -0.01 18.68 -16.01
C ILE A 53 0.43 20.08 -15.61
N ALA A 54 -0.29 20.68 -14.67
CA ALA A 54 0.14 21.94 -14.06
C ALA A 54 1.07 21.63 -12.89
N ILE A 55 2.27 22.21 -12.92
CA ILE A 55 3.29 21.97 -11.90
C ILE A 55 3.45 23.25 -11.08
N HIS A 56 3.28 23.12 -9.77
CA HIS A 56 3.56 24.19 -8.82
C HIS A 56 4.64 23.71 -7.87
N GLN A 57 5.78 24.38 -7.89
CA GLN A 57 6.88 24.06 -6.98
C GLN A 57 7.19 25.28 -6.13
N ALA A 58 7.43 25.05 -4.85
CA ALA A 58 7.89 26.08 -3.91
C ALA A 58 8.92 25.40 -3.01
N GLY A 59 10.19 25.60 -3.29
CA GLY A 59 11.23 24.95 -2.51
C GLY A 59 11.14 23.43 -2.63
N GLU A 60 11.13 22.74 -1.49
CA GLU A 60 11.07 21.28 -1.49
C GLU A 60 9.64 20.73 -1.55
N PHE A 61 8.64 21.56 -1.84
CA PHE A 61 7.26 21.11 -1.98
C PHE A 61 6.85 21.22 -3.43
N THR A 62 6.43 20.09 -4.01
CA THR A 62 6.01 20.03 -5.40
C THR A 62 4.58 19.54 -5.46
N GLN A 63 3.76 20.22 -6.25
CA GLN A 63 2.37 19.86 -6.46
C GLN A 63 2.09 19.73 -7.95
N PHE A 64 1.46 18.62 -8.32
CA PHE A 64 0.99 18.39 -9.67
C PHE A 64 -0.53 18.45 -9.70
N ARG A 65 -1.08 19.08 -10.73
CA ARG A 65 -2.51 19.00 -11.00
C ARG A 65 -2.69 18.44 -12.40
N PHE A 66 -3.25 17.24 -12.48
CA PHE A 66 -3.48 16.54 -13.74
C PHE A 66 -4.80 17.00 -14.35
N SER A 67 -4.84 16.98 -15.68
CA SER A 67 -6.07 17.23 -16.42
C SER A 67 -7.01 16.03 -16.38
N LYS A 68 -6.44 14.83 -16.36
CA LYS A 68 -7.20 13.60 -16.29
C LYS A 68 -7.39 13.22 -14.83
N LYS A 69 -8.57 12.73 -14.49
CA LYS A 69 -8.77 12.14 -13.16
C LYS A 69 -7.92 10.88 -13.03
N MET A 70 -6.84 10.91 -12.24
CA MET A 70 -5.91 9.77 -12.08
C MET A 70 -6.39 8.82 -10.98
N ARG A 71 -6.97 9.33 -9.91
CA ARG A 71 -7.50 8.53 -8.81
C ARG A 71 -8.96 8.90 -8.59
N PRO A 72 -9.83 8.56 -9.55
CA PRO A 72 -11.24 8.94 -9.43
C PRO A 72 -11.98 8.29 -8.28
N ASP A 73 -11.41 7.26 -7.65
CA ASP A 73 -11.93 6.64 -6.44
C ASP A 73 -11.84 7.52 -5.21
N LEU A 74 -11.07 8.59 -5.26
CA LEU A 74 -10.76 9.40 -4.10
C LEU A 74 -11.60 10.66 -4.08
N THR A 75 -11.89 11.11 -2.86
CA THR A 75 -12.42 12.45 -2.60
C THR A 75 -11.26 13.42 -2.42
N GLY A 76 -11.58 14.70 -2.53
CA GLY A 76 -10.66 15.73 -2.09
C GLY A 76 -10.49 15.74 -0.60
N MET A 77 -9.42 16.38 -0.16
CA MET A 77 -9.20 16.51 1.28
C MET A 77 -8.52 17.85 1.55
N VAL A 78 -8.43 18.21 2.81
CA VAL A 78 -7.88 19.50 3.22
C VAL A 78 -6.36 19.43 3.07
N LEU A 79 -5.80 20.41 2.36
CA LEU A 79 -4.35 20.59 2.29
C LEU A 79 -4.03 21.95 2.90
N GLU A 80 -3.15 21.97 3.90
CA GLU A 80 -2.79 23.18 4.62
C GLU A 80 -1.27 23.36 4.58
N GLU A 81 -0.85 24.62 4.75
CA GLU A 81 0.56 24.99 4.67
C GLU A 81 1.17 24.82 6.06
N GLY A 82 1.48 23.58 6.39
CA GLY A 82 2.01 23.27 7.69
C GLY A 82 0.91 23.17 8.72
N CYS A 83 1.32 23.02 9.97
CA CYS A 83 0.38 22.98 11.05
C CYS A 83 0.90 23.75 12.25
N PRO A 84 0.03 24.09 13.19
CA PRO A 84 0.48 24.85 14.37
C PRO A 84 1.46 24.04 15.21
N GLU A 85 2.53 24.71 15.65
CA GLU A 85 3.41 24.13 16.65
C GLU A 85 2.59 23.39 17.69
N GLY A 86 3.09 22.25 18.13
CA GLY A 86 2.39 21.44 19.11
C GLY A 86 1.46 20.39 18.53
N THR A 87 1.16 20.47 17.24
CA THR A 87 0.32 19.47 16.60
C THR A 87 1.03 18.14 16.54
N VAL A 88 0.35 17.07 16.93
CA VAL A 88 0.85 15.72 16.77
C VAL A 88 0.32 15.20 15.44
N CYS A 89 1.18 15.00 14.48
CA CYS A 89 0.81 14.46 13.19
C CYS A 89 1.27 13.00 13.08
N SER A 90 0.69 12.30 12.10
CA SER A 90 1.12 10.97 11.71
C SER A 90 1.84 11.09 10.37
N VAL A 91 3.04 10.52 10.30
CA VAL A 91 3.77 10.40 9.04
C VAL A 91 3.44 9.03 8.46
N LEU A 92 2.80 9.01 7.30
CA LEU A 92 2.30 7.76 6.72
C LEU A 92 3.42 7.15 5.88
N ILE A 93 4.32 6.48 6.59
CA ILE A 93 5.47 5.87 5.94
C ILE A 93 5.08 4.51 5.37
N LYS A 94 5.28 4.35 4.07
CA LYS A 94 5.24 3.04 3.42
C LYS A 94 6.68 2.60 3.18
N ARG A 95 6.96 1.32 3.40
CA ARG A 95 8.23 0.73 3.00
C ARG A 95 8.02 -0.21 1.82
N ASP A 96 9.11 -0.49 1.10
CA ASP A 96 9.00 -1.25 -0.15
C ASP A 96 8.56 -2.70 0.09
N SER A 97 8.80 -3.25 1.28
CA SER A 97 8.24 -4.55 1.65
C SER A 97 6.72 -4.54 1.73
N GLY A 98 6.11 -3.36 1.78
CA GLY A 98 4.69 -3.21 1.99
C GLY A 98 4.32 -2.85 3.41
N GLU A 99 5.26 -2.98 4.34
CA GLU A 99 5.01 -2.64 5.73
C GLU A 99 4.61 -1.17 5.84
N LEU A 100 3.66 -0.92 6.73
CA LEU A 100 3.20 0.41 7.07
C LEU A 100 3.80 0.80 8.42
N LEU A 101 4.30 2.02 8.52
CA LEU A 101 4.90 2.53 9.76
C LEU A 101 4.36 3.93 10.03
N PRO A 102 3.15 4.07 10.56
CA PRO A 102 2.65 5.38 10.97
C PRO A 102 3.50 5.89 12.12
N LEU A 103 4.14 7.03 11.92
CA LEU A 103 5.05 7.59 12.91
C LEU A 103 4.40 8.82 13.52
N ALA A 104 4.17 8.79 14.83
CA ALA A 104 3.63 9.95 15.53
C ALA A 104 4.74 10.96 15.75
N VAL A 105 4.44 12.23 15.52
CA VAL A 105 5.44 13.29 15.57
C VAL A 105 4.76 14.57 16.05
N ARG A 106 5.36 15.21 17.04
CA ARG A 106 4.89 16.50 17.54
C ARG A 106 5.61 17.59 16.78
N MET A 107 4.88 18.38 16.04
CA MET A 107 5.43 19.29 15.05
C MET A 107 5.88 20.54 15.79
N GLY A 108 7.08 21.12 15.50
CA GLY A 108 7.59 22.37 16.00
C GLY A 108 7.24 23.51 15.07
N ALA A 109 8.17 24.45 14.94
CA ALA A 109 7.90 25.66 14.20
C ALA A 109 8.19 25.49 12.72
N ILE A 110 7.44 26.26 11.91
CA ILE A 110 7.73 26.45 10.50
C ILE A 110 8.90 27.41 10.36
N ALA A 111 9.89 27.04 9.57
CA ALA A 111 11.07 27.88 9.42
C ALA A 111 11.83 27.52 8.16
N SER A 112 12.84 28.33 7.87
CA SER A 112 13.83 28.03 6.84
C SER A 112 15.01 27.37 7.52
N MET A 113 15.30 26.13 7.13
CA MET A 113 16.30 25.31 7.80
C MET A 113 17.44 25.02 6.86
N ARG A 114 18.65 24.96 7.41
CA ARG A 114 19.81 24.50 6.65
C ARG A 114 19.78 22.99 6.62
N ILE A 115 19.74 22.40 5.42
CA ILE A 115 19.76 20.94 5.30
C ILE A 115 20.66 20.56 4.12
N GLN A 116 21.69 19.75 4.39
CA GLN A 116 22.69 19.37 3.40
C GLN A 116 23.10 20.57 2.55
N GLY A 117 23.20 21.73 3.18
CA GLY A 117 23.73 22.91 2.53
C GLY A 117 22.72 23.77 1.80
N ARG A 118 21.44 23.40 1.82
CA ARG A 118 20.40 24.16 1.17
C ARG A 118 19.48 24.78 2.22
N LEU A 119 18.93 25.95 1.92
CA LEU A 119 17.90 26.54 2.76
C LEU A 119 16.54 26.02 2.30
N VAL A 120 15.80 25.43 3.23
CA VAL A 120 14.54 24.77 2.93
C VAL A 120 13.46 25.31 3.86
N HIS A 121 12.38 25.82 3.29
CA HIS A 121 11.18 26.14 4.06
C HIS A 121 10.45 24.87 4.44
N GLY A 122 10.13 24.73 5.73
CA GLY A 122 9.49 23.53 6.18
C GLY A 122 9.19 23.60 7.66
N GLN A 123 9.05 22.42 8.26
CA GLN A 123 8.59 22.31 9.62
C GLN A 123 9.27 21.11 10.26
N SER A 124 9.90 21.33 11.40
CA SER A 124 10.52 20.24 12.13
C SER A 124 9.49 19.58 13.04
N GLY A 125 9.85 18.38 13.50
CA GLY A 125 8.99 17.65 14.42
C GLY A 125 9.83 16.69 15.22
N MET A 126 9.33 16.31 16.38
CA MET A 126 10.04 15.40 17.27
C MET A 126 9.25 14.10 17.35
N LEU A 127 9.89 12.99 16.99
CA LEU A 127 9.25 11.69 17.14
C LEU A 127 8.89 11.45 18.60
N LEU A 128 7.82 10.71 18.80
CA LEU A 128 7.32 10.47 20.15
C LEU A 128 7.68 9.08 20.67
N ALA A 133 15.59 6.53 18.84
CA ALA A 133 14.72 6.27 17.69
C ALA A 133 15.39 5.29 16.73
N LYS A 134 16.63 5.60 16.34
CA LYS A 134 17.39 4.70 15.47
C LYS A 134 17.56 3.34 16.10
N GLY A 135 18.06 3.30 17.34
CA GLY A 135 18.28 2.04 18.02
C GLY A 135 17.01 1.24 18.22
N MET A 136 15.87 1.91 18.31
CA MET A 136 14.60 1.20 18.39
C MET A 136 13.92 1.08 17.03
N ASP A 137 14.64 1.35 15.95
CA ASP A 137 14.13 1.27 14.57
C ASP A 137 12.71 1.86 14.47
N LEU A 138 12.55 3.03 15.09
CA LEU A 138 11.30 3.76 15.02
C LEU A 138 11.35 4.98 14.11
N GLY A 139 12.46 5.19 13.40
CA GLY A 139 12.68 6.42 12.67
C GLY A 139 12.43 6.31 11.16
N THR A 140 12.72 7.42 10.49
CA THR A 140 12.66 7.47 9.02
C THR A 140 14.04 7.13 8.45
N ILE A 141 14.03 6.64 7.21
CA ILE A 141 15.26 6.22 6.55
C ILE A 141 15.26 6.66 5.09
N PRO A 142 16.41 6.56 4.41
CA PRO A 142 16.44 6.95 3.00
C PRO A 142 15.40 6.18 2.20
N GLY A 143 14.71 6.91 1.31
CA GLY A 143 13.62 6.35 0.53
C GLY A 143 12.24 6.72 1.03
N ASP A 144 12.14 7.26 2.24
CA ASP A 144 10.88 7.66 2.85
C ASP A 144 10.37 9.02 2.37
N CYS A 145 11.18 9.77 1.63
CA CYS A 145 10.81 11.16 1.36
C CYS A 145 9.58 11.20 0.46
N GLY A 146 8.73 12.20 0.72
CA GLY A 146 7.45 12.34 0.08
C GLY A 146 6.28 11.83 0.90
N ALA A 147 6.54 11.04 1.94
CA ALA A 147 5.48 10.49 2.74
C ALA A 147 4.71 11.63 3.41
N PRO A 148 3.38 11.56 3.48
CA PRO A 148 2.60 12.70 3.95
C PRO A 148 2.58 12.80 5.47
N TYR A 149 2.55 14.06 5.94
CA TYR A 149 2.28 14.39 7.34
C TYR A 149 0.80 14.76 7.45
N VAL A 150 0.06 14.04 8.29
CA VAL A 150 -1.39 14.20 8.36
C VAL A 150 -1.86 14.23 9.81
N HIS A 151 -3.05 14.78 10.00
CA HIS A 151 -3.77 14.79 11.26
C HIS A 151 -5.25 14.92 10.93
N LYS A 152 -6.08 14.54 11.89
CA LYS A 152 -7.53 14.62 11.73
C LYS A 152 -8.07 15.75 12.60
N ARG A 153 -9.01 16.52 12.05
CA ARG A 153 -9.63 17.67 12.71
C ARG A 153 -11.13 17.44 12.58
N GLY A 154 -11.77 17.01 13.66
CA GLY A 154 -13.16 16.61 13.56
C GLY A 154 -13.31 15.49 12.55
N ASN A 155 -14.18 15.71 11.57
CA ASN A 155 -14.43 14.74 10.52
C ASN A 155 -13.61 15.02 9.26
N ASP A 156 -12.56 15.82 9.37
CA ASP A 156 -11.72 16.18 8.22
C ASP A 156 -10.31 15.64 8.43
N TRP A 157 -9.84 14.81 7.50
CA TRP A 157 -8.41 14.52 7.40
C TRP A 157 -7.71 15.71 6.73
N VAL A 158 -6.51 16.04 7.24
CA VAL A 158 -5.71 17.17 6.77
C VAL A 158 -4.30 16.69 6.46
N VAL A 159 -3.80 17.01 5.28
CA VAL A 159 -2.40 16.81 4.96
C VAL A 159 -1.73 18.18 4.98
N CYS A 160 -0.54 18.26 5.58
CA CYS A 160 0.11 19.54 5.81
C CYS A 160 1.62 19.55 5.55
N GLY A 161 2.20 18.46 5.07
CA GLY A 161 3.59 18.49 4.64
C GLY A 161 3.96 17.17 4.03
N VAL A 162 5.16 17.14 3.44
CA VAL A 162 5.75 15.94 2.85
C VAL A 162 7.15 15.72 3.41
N HIS A 163 7.48 14.46 3.69
CA HIS A 163 8.71 14.17 4.42
C HIS A 163 9.93 14.52 3.58
N ALA A 164 10.89 15.26 4.20
CA ALA A 164 12.06 15.71 3.45
C ALA A 164 13.41 15.35 4.08
N ALA A 165 13.48 15.25 5.41
CA ALA A 165 14.78 15.00 6.07
C ALA A 165 14.59 14.52 7.50
N ALA A 166 15.70 14.07 8.11
CA ALA A 166 15.69 13.72 9.53
C ALA A 166 17.10 13.78 10.10
N THR A 167 17.18 13.91 11.42
CA THR A 167 18.46 13.97 12.11
C THR A 167 19.18 12.62 12.05
N LYS A 168 20.48 12.66 12.41
CA LYS A 168 21.23 11.43 12.65
C LYS A 168 20.53 10.56 13.69
N SER A 169 20.02 11.16 14.77
CA SER A 169 19.30 10.41 15.79
C SER A 169 18.01 9.83 15.24
N GLY A 170 17.39 10.49 14.27
CA GLY A 170 16.06 10.16 13.83
C GLY A 170 14.96 10.68 14.71
N ASN A 171 15.28 11.21 15.89
CA ASN A 171 14.26 11.71 16.79
C ASN A 171 13.66 13.03 16.32
N THR A 172 14.30 13.71 15.38
CA THR A 172 13.76 14.93 14.78
C THR A 172 13.67 14.75 13.27
N VAL A 173 12.49 15.03 12.72
CA VAL A 173 12.23 14.93 11.29
C VAL A 173 11.86 16.33 10.76
N VAL A 174 11.86 16.46 9.44
CA VAL A 174 11.46 17.70 8.78
C VAL A 174 10.57 17.39 7.60
N CYS A 175 9.41 18.06 7.52
CA CYS A 175 8.59 18.02 6.31
C CYS A 175 8.71 19.32 5.53
N ALA A 176 8.60 19.21 4.20
CA ALA A 176 8.45 20.39 3.37
C ALA A 176 6.99 20.85 3.45
N VAL A 177 6.80 22.16 3.46
CA VAL A 177 5.46 22.71 3.54
C VAL A 177 5.25 23.65 2.37
N GLN A 178 4.01 23.70 1.91
CA GLN A 178 3.68 24.50 0.74
C GLN A 178 3.74 25.98 1.08
N ALA A 179 4.18 26.76 0.11
CA ALA A 179 4.22 28.22 0.21
C ALA A 179 2.83 28.82 0.05
N ALA B 7 -11.67 -3.57 7.12
CA ALA B 7 -10.33 -4.22 7.20
C ALA B 7 -9.28 -3.20 7.57
N PRO B 8 -8.52 -3.43 8.66
CA PRO B 8 -7.51 -2.46 9.07
C PRO B 8 -6.44 -2.29 8.00
N PRO B 9 -5.73 -1.16 8.03
CA PRO B 9 -4.63 -0.98 7.06
C PRO B 9 -3.59 -2.09 7.07
N THR B 10 -3.33 -2.73 8.21
CA THR B 10 -2.30 -3.75 8.22
C THR B 10 -2.72 -4.98 7.40
N LEU B 11 -4.01 -5.31 7.41
CA LEU B 11 -4.52 -6.40 6.58
C LEU B 11 -4.30 -6.10 5.09
N TRP B 12 -4.65 -4.87 4.67
CA TRP B 12 -4.44 -4.47 3.29
C TRP B 12 -2.95 -4.45 2.92
N SER B 13 -2.07 -4.10 3.87
CA SER B 13 -0.64 -4.11 3.60
C SER B 13 -0.07 -5.50 3.32
N ARG B 14 -0.83 -6.56 3.60
CA ARG B 14 -0.42 -7.92 3.24
C ARG B 14 -0.59 -8.19 1.76
N VAL B 15 -1.45 -7.43 1.08
CA VAL B 15 -1.73 -7.65 -0.34
C VAL B 15 -0.63 -6.96 -1.13
N THR B 16 0.04 -7.74 -1.97
CA THR B 16 1.32 -7.38 -2.56
C THR B 16 1.30 -7.64 -4.05
N LYS B 17 1.73 -6.64 -4.83
CA LYS B 17 1.80 -6.85 -6.27
C LYS B 17 2.77 -7.98 -6.55
N PHE B 18 2.36 -8.94 -7.40
CA PHE B 18 3.19 -10.11 -7.62
C PHE B 18 2.97 -10.65 -9.02
N GLY B 19 4.02 -10.61 -9.83
CA GLY B 19 3.87 -11.03 -11.22
C GLY B 19 2.73 -10.34 -11.94
N SER B 20 1.84 -11.14 -12.54
CA SER B 20 0.71 -10.61 -13.28
C SER B 20 -0.51 -10.46 -12.40
N GLY B 21 -0.36 -10.55 -11.08
CA GLY B 21 -1.46 -10.29 -10.19
C GLY B 21 -0.97 -9.81 -8.84
N TRP B 22 -1.37 -10.54 -7.80
CA TRP B 22 -1.13 -10.16 -6.41
C TRP B 22 -0.83 -11.41 -5.60
N GLY B 23 -0.27 -11.20 -4.41
CA GLY B 23 -0.16 -12.23 -3.40
C GLY B 23 -0.52 -11.67 -2.05
N PHE B 24 -0.45 -12.52 -1.03
CA PHE B 24 -0.89 -12.18 0.31
C PHE B 24 0.05 -12.79 1.34
N TRP B 25 0.57 -11.94 2.23
CA TRP B 25 1.40 -12.42 3.35
C TRP B 25 0.49 -12.92 4.45
N VAL B 26 0.38 -14.25 4.57
CA VAL B 26 -0.39 -14.84 5.64
C VAL B 26 0.29 -14.62 6.99
N SER B 27 1.61 -14.60 6.99
CA SER B 27 2.40 -14.45 8.20
C SER B 27 3.76 -13.92 7.80
N PRO B 28 4.66 -13.65 8.75
CA PRO B 28 5.97 -13.13 8.37
C PRO B 28 6.71 -13.99 7.39
N THR B 29 6.39 -15.29 7.30
CA THR B 29 7.16 -16.16 6.43
C THR B 29 6.37 -16.86 5.34
N VAL B 30 5.06 -16.66 5.27
CA VAL B 30 4.23 -17.42 4.34
C VAL B 30 3.48 -16.45 3.44
N PHE B 31 3.72 -16.58 2.13
CA PHE B 31 3.14 -15.81 1.05
C PHE B 31 2.31 -16.73 0.18
N ILE B 32 1.07 -16.34 -0.13
CA ILE B 32 0.21 -17.15 -0.99
C ILE B 32 -0.22 -16.34 -2.21
N THR B 33 -0.46 -17.04 -3.31
CA THR B 33 -0.85 -16.41 -4.57
C THR B 33 -1.48 -17.46 -5.47
N THR B 34 -2.02 -16.99 -6.60
CA THR B 34 -2.61 -17.88 -7.59
C THR B 34 -1.53 -18.33 -8.58
N THR B 35 -1.51 -19.63 -8.87
CA THR B 35 -0.36 -20.18 -9.59
C THR B 35 -0.10 -19.45 -10.89
N HIS B 36 -1.15 -19.13 -11.66
CA HIS B 36 -0.89 -18.64 -13.01
C HIS B 36 -0.36 -17.22 -13.04
N VAL B 37 -0.39 -16.48 -11.92
CA VAL B 37 0.22 -15.15 -11.95
C VAL B 37 1.69 -15.17 -11.52
N VAL B 38 2.20 -16.30 -11.07
CA VAL B 38 3.55 -16.37 -10.48
C VAL B 38 4.60 -16.12 -11.56
N PRO B 39 5.55 -15.21 -11.35
CA PRO B 39 6.61 -15.02 -12.37
C PRO B 39 7.40 -16.31 -12.54
N THR B 40 7.78 -16.59 -13.79
CA THR B 40 8.50 -17.79 -14.14
C THR B 40 9.83 -17.43 -14.78
N GLY B 41 10.72 -18.42 -14.85
CA GLY B 41 12.07 -18.17 -15.32
C GLY B 41 12.87 -17.32 -14.35
N VAL B 42 12.60 -17.46 -13.06
CA VAL B 42 13.27 -16.69 -12.02
C VAL B 42 13.95 -17.67 -11.07
N LYS B 43 15.07 -17.24 -10.50
CA LYS B 43 15.80 -18.02 -9.51
C LYS B 43 15.72 -17.43 -8.12
N GLU B 44 14.97 -16.33 -7.93
CA GLU B 44 14.81 -15.68 -6.64
C GLU B 44 13.38 -15.19 -6.51
N PHE B 45 12.92 -15.07 -5.27
CA PHE B 45 11.67 -14.40 -4.94
C PHE B 45 11.93 -13.51 -3.72
N PHE B 46 11.54 -12.23 -3.80
CA PHE B 46 11.81 -11.26 -2.75
C PHE B 46 13.26 -11.36 -2.30
N GLY B 47 14.16 -11.55 -3.26
CA GLY B 47 15.57 -11.63 -2.95
C GLY B 47 16.01 -12.92 -2.30
N GLU B 48 15.12 -13.91 -2.22
CA GLU B 48 15.46 -15.19 -1.63
C GLU B 48 15.52 -16.27 -2.69
N PRO B 49 16.62 -17.01 -2.78
CA PRO B 49 16.74 -18.01 -3.87
C PRO B 49 15.82 -19.20 -3.66
N LEU B 50 15.25 -19.69 -4.76
CA LEU B 50 14.28 -20.78 -4.70
C LEU B 50 14.71 -21.88 -3.74
N SER B 51 16.03 -22.07 -3.62
CA SER B 51 16.56 -23.11 -2.74
C SER B 51 16.20 -22.86 -1.28
N SER B 52 16.07 -21.60 -0.88
CA SER B 52 15.71 -21.26 0.49
C SER B 52 14.21 -21.24 0.74
N ILE B 53 13.39 -21.52 -0.28
CA ILE B 53 11.94 -21.42 -0.17
C ILE B 53 11.32 -22.79 -0.33
N ALA B 54 10.40 -23.14 0.56
CA ALA B 54 9.53 -24.29 0.39
C ALA B 54 8.28 -23.83 -0.38
N ILE B 55 8.14 -24.29 -1.62
CA ILE B 55 7.04 -23.91 -2.50
C ILE B 55 6.07 -25.09 -2.59
N HIS B 56 4.81 -24.85 -2.22
CA HIS B 56 3.74 -25.82 -2.42
C HIS B 56 2.74 -25.29 -3.45
N GLN B 57 2.50 -26.06 -4.50
CA GLN B 57 1.51 -25.73 -5.51
C GLN B 57 0.49 -26.84 -5.57
N ALA B 58 -0.78 -26.50 -5.39
CA ALA B 58 -1.88 -27.44 -5.54
C ALA B 58 -2.78 -26.82 -6.59
N GLY B 59 -2.60 -27.22 -7.84
CA GLY B 59 -3.35 -26.62 -8.92
C GLY B 59 -3.06 -25.13 -8.94
N GLU B 60 -4.11 -24.32 -8.82
CA GLU B 60 -3.97 -22.88 -8.96
C GLU B 60 -3.66 -22.19 -7.64
N PHE B 61 -3.48 -22.92 -6.55
CA PHE B 61 -3.05 -22.34 -5.27
C PHE B 61 -1.55 -22.58 -5.10
N THR B 62 -0.81 -21.50 -4.82
CA THR B 62 0.63 -21.58 -4.63
C THR B 62 0.97 -20.96 -3.28
N GLN B 63 1.84 -21.63 -2.51
CA GLN B 63 2.29 -21.14 -1.23
C GLN B 63 3.82 -21.12 -1.22
N PHE B 64 4.37 -20.00 -0.76
CA PHE B 64 5.80 -19.86 -0.51
C PHE B 64 6.02 -19.82 1.00
N ARG B 65 6.94 -20.65 1.50
CA ARG B 65 7.36 -20.55 2.90
C ARG B 65 8.85 -20.23 2.93
N PHE B 66 9.19 -19.07 3.45
CA PHE B 66 10.55 -18.54 3.42
C PHE B 66 11.33 -18.96 4.67
N SER B 67 12.65 -19.00 4.53
CA SER B 67 13.54 -19.36 5.63
C SER B 67 13.75 -18.21 6.61
N LYS B 68 13.22 -17.02 6.35
CA LYS B 68 13.49 -15.81 7.10
C LYS B 68 12.18 -15.07 7.26
N LYS B 69 12.08 -14.21 8.27
CA LYS B 69 10.89 -13.38 8.43
C LYS B 69 10.92 -12.23 7.41
N MET B 70 10.13 -12.31 6.34
CA MET B 70 10.09 -11.29 5.30
C MET B 70 9.20 -10.11 5.72
N ARG B 71 8.18 -10.36 6.54
CA ARG B 71 7.25 -9.31 6.99
C ARG B 71 7.04 -9.44 8.49
N PRO B 72 8.11 -9.22 9.27
CA PRO B 72 8.02 -9.37 10.73
C PRO B 72 7.03 -8.43 11.40
N ASP B 73 6.56 -7.42 10.69
CA ASP B 73 5.56 -6.50 11.23
C ASP B 73 4.20 -7.18 11.38
N LEU B 74 4.01 -8.32 10.74
CA LEU B 74 2.71 -8.97 10.66
C LEU B 74 2.57 -10.04 11.73
N THR B 75 1.38 -10.15 12.27
CA THR B 75 0.98 -11.35 12.98
C THR B 75 0.68 -12.47 11.99
N GLY B 76 0.73 -13.72 12.47
CA GLY B 76 0.24 -14.82 11.67
C GLY B 76 -1.28 -14.85 11.71
N MET B 77 -1.90 -15.04 10.55
CA MET B 77 -3.33 -15.35 10.52
C MET B 77 -3.58 -16.79 10.08
N VAL B 78 -4.84 -17.19 10.18
CA VAL B 78 -5.26 -18.56 9.89
C VAL B 78 -5.48 -18.72 8.41
N LEU B 79 -4.89 -19.76 7.82
CA LEU B 79 -5.14 -20.14 6.43
C LEU B 79 -5.93 -21.44 6.46
N GLU B 80 -7.13 -21.43 5.85
CA GLU B 80 -8.01 -22.59 5.85
C GLU B 80 -8.35 -22.98 4.42
N GLU B 81 -8.56 -24.29 4.22
CA GLU B 81 -8.98 -24.81 2.93
C GLU B 81 -10.39 -24.31 2.62
N GLY B 82 -10.51 -23.14 2.00
CA GLY B 82 -11.81 -22.58 1.77
C GLY B 82 -12.52 -22.32 3.10
N CYS B 83 -13.82 -22.06 2.97
CA CYS B 83 -14.64 -21.71 4.12
C CYS B 83 -15.96 -22.44 4.03
N PRO B 84 -16.71 -22.50 5.12
CA PRO B 84 -18.02 -23.15 5.08
C PRO B 84 -18.96 -22.47 4.09
N GLU B 85 -19.79 -23.28 3.44
CA GLU B 85 -20.77 -22.73 2.52
C GLU B 85 -21.60 -21.67 3.22
N GLY B 86 -21.87 -20.58 2.50
CA GLY B 86 -22.68 -19.51 3.03
C GLY B 86 -21.92 -18.41 3.74
N THR B 87 -20.69 -18.65 4.15
CA THR B 87 -19.92 -17.59 4.81
C THR B 87 -19.64 -16.45 3.83
N VAL B 88 -19.77 -15.23 4.30
CA VAL B 88 -19.52 -14.04 3.51
C VAL B 88 -18.08 -13.60 3.74
N CYS B 89 -17.31 -13.55 2.67
CA CYS B 89 -15.93 -13.12 2.71
C CYS B 89 -15.80 -11.74 2.08
N SER B 90 -14.65 -11.12 2.32
CA SER B 90 -14.23 -9.94 1.58
C SER B 90 -13.08 -10.34 0.69
N VAL B 91 -13.15 -9.96 -0.58
CA VAL B 91 -12.02 -10.08 -1.48
C VAL B 91 -11.28 -8.74 -1.43
N LEU B 92 -10.01 -8.78 -0.99
CA LEU B 92 -9.23 -7.56 -0.80
C LEU B 92 -8.54 -7.20 -2.10
N ILE B 93 -9.31 -6.67 -3.02
CA ILE B 93 -8.75 -6.29 -4.33
C ILE B 93 -7.99 -4.98 -4.23
N LYS B 94 -6.75 -4.98 -4.71
CA LYS B 94 -5.97 -3.78 -4.94
C LYS B 94 -5.85 -3.59 -6.45
N ARG B 95 -5.85 -2.33 -6.88
CA ARG B 95 -5.56 -1.96 -8.25
C ARG B 95 -4.19 -1.31 -8.34
N ASP B 96 -3.54 -1.46 -9.49
CA ASP B 96 -2.22 -0.90 -9.69
C ASP B 96 -2.18 0.60 -9.42
N SER B 97 -3.31 1.27 -9.64
CA SER B 97 -3.38 2.71 -9.33
C SER B 97 -3.23 2.99 -7.85
N GLY B 98 -3.41 1.97 -7.00
CA GLY B 98 -3.49 2.12 -5.57
C GLY B 98 -4.89 2.05 -5.02
N GLU B 99 -5.92 2.10 -5.87
CA GLU B 99 -7.29 2.03 -5.40
C GLU B 99 -7.55 0.72 -4.66
N LEU B 100 -8.34 0.81 -3.59
CA LEU B 100 -8.79 -0.37 -2.85
C LEU B 100 -10.21 -0.70 -3.26
N LEU B 101 -10.48 -1.98 -3.51
CA LEU B 101 -11.83 -2.43 -3.92
C LEU B 101 -12.23 -3.71 -3.19
N PRO B 102 -12.65 -3.59 -1.93
CA PRO B 102 -13.11 -4.79 -1.21
C PRO B 102 -14.47 -5.23 -1.73
N LEU B 103 -14.58 -6.51 -2.09
CA LEU B 103 -15.84 -7.08 -2.55
C LEU B 103 -16.38 -8.05 -1.53
N ALA B 104 -17.69 -7.99 -1.29
CA ALA B 104 -18.39 -8.95 -0.44
C ALA B 104 -18.94 -10.08 -1.31
N VAL B 105 -18.67 -11.32 -0.93
CA VAL B 105 -19.14 -12.48 -1.68
C VAL B 105 -19.64 -13.55 -0.71
N ARG B 106 -20.81 -14.13 -0.99
CA ARG B 106 -21.31 -15.29 -0.26
C ARG B 106 -20.73 -16.53 -0.92
N MET B 107 -19.91 -17.26 -0.18
CA MET B 107 -19.19 -18.38 -0.77
C MET B 107 -20.12 -19.58 -0.98
N GLY B 108 -19.80 -20.37 -1.99
CA GLY B 108 -20.58 -21.55 -2.29
C GLY B 108 -19.84 -22.83 -1.95
N ALA B 109 -19.91 -23.80 -2.84
CA ALA B 109 -19.34 -25.11 -2.57
C ALA B 109 -17.91 -25.21 -3.10
N ILE B 110 -17.06 -25.88 -2.34
CA ILE B 110 -15.73 -26.23 -2.82
C ILE B 110 -15.87 -27.31 -3.87
N ALA B 111 -15.19 -27.13 -5.00
CA ALA B 111 -15.38 -28.05 -6.11
C ALA B 111 -14.23 -27.97 -7.09
N SER B 112 -13.99 -29.09 -7.78
CA SER B 112 -12.95 -29.18 -8.80
C SER B 112 -13.54 -28.73 -10.12
N MET B 113 -13.41 -27.44 -10.41
CA MET B 113 -13.84 -26.90 -11.68
C MET B 113 -12.72 -26.99 -12.70
N ARG B 114 -13.11 -27.17 -13.96
CA ARG B 114 -12.20 -27.01 -15.10
C ARG B 114 -12.51 -25.66 -15.73
N ILE B 115 -11.51 -24.78 -15.78
CA ILE B 115 -11.67 -23.41 -16.27
C ILE B 115 -10.54 -23.17 -17.26
N GLN B 116 -10.89 -23.04 -18.53
CA GLN B 116 -9.89 -22.93 -19.60
C GLN B 116 -8.86 -24.04 -19.50
N GLY B 117 -9.33 -25.22 -19.09
CA GLY B 117 -8.44 -26.37 -18.92
C GLY B 117 -8.03 -26.61 -17.48
N LEU B 119 -8.51 -27.44 -14.25
CA LEU B 119 -8.26 -28.19 -13.00
C LEU B 119 -8.00 -27.21 -11.85
N VAL B 120 -9.08 -26.62 -11.35
CA VAL B 120 -9.00 -25.59 -10.33
C VAL B 120 -9.67 -26.09 -9.07
N HIS B 121 -8.87 -26.47 -8.07
CA HIS B 121 -9.43 -26.77 -6.77
C HIS B 121 -9.84 -25.47 -6.11
N GLY B 122 -11.10 -25.06 -6.29
CA GLY B 122 -11.53 -23.76 -5.86
C GLY B 122 -12.90 -23.80 -5.21
N GLN B 123 -13.36 -22.61 -4.85
CA GLN B 123 -14.64 -22.37 -4.21
C GLN B 123 -15.29 -21.20 -4.91
N SER B 124 -16.57 -21.35 -5.24
CA SER B 124 -17.34 -20.32 -5.93
C SER B 124 -17.96 -19.39 -4.91
N GLY B 125 -18.20 -18.16 -5.35
CA GLY B 125 -18.83 -17.16 -4.51
C GLY B 125 -19.74 -16.28 -5.33
N MET B 126 -20.82 -15.82 -4.70
CA MET B 126 -21.78 -14.94 -5.34
C MET B 126 -21.53 -13.53 -4.83
N LEU B 127 -21.27 -12.60 -5.76
CA LEU B 127 -20.97 -11.24 -5.38
C LEU B 127 -22.24 -10.52 -4.92
N LEU B 128 -22.08 -9.61 -3.98
CA LEU B 128 -23.16 -8.77 -3.50
C LEU B 128 -23.01 -7.34 -4.05
N LEU B 138 -19.37 -2.78 -9.32
CA LEU B 138 -18.05 -3.19 -8.85
C LEU B 138 -17.82 -4.68 -9.11
N GLY B 139 -16.97 -4.97 -10.11
CA GLY B 139 -16.62 -6.33 -10.44
C GLY B 139 -15.11 -6.48 -10.59
N THR B 140 -14.70 -7.72 -10.83
CA THR B 140 -13.28 -8.04 -10.95
C THR B 140 -12.80 -7.91 -12.39
N ILE B 141 -11.48 -7.91 -12.56
CA ILE B 141 -10.86 -7.67 -13.86
C ILE B 141 -9.58 -8.46 -13.95
N PRO B 142 -9.07 -8.64 -15.17
CA PRO B 142 -7.74 -9.24 -15.33
C PRO B 142 -6.70 -8.43 -14.58
N GLY B 143 -5.79 -9.12 -13.92
CA GLY B 143 -4.85 -8.48 -13.04
C GLY B 143 -5.24 -8.51 -11.57
N ASP B 144 -6.48 -8.85 -11.27
CA ASP B 144 -6.89 -9.02 -9.88
C ASP B 144 -6.52 -10.38 -9.29
N CYS B 145 -6.03 -11.33 -10.09
CA CYS B 145 -5.86 -12.68 -9.56
C CYS B 145 -4.79 -12.67 -8.49
N GLY B 146 -4.99 -13.49 -7.47
CA GLY B 146 -4.11 -13.51 -6.32
C GLY B 146 -4.66 -12.77 -5.12
N ALA B 147 -5.71 -11.97 -5.30
CA ALA B 147 -6.27 -11.20 -4.20
C ALA B 147 -6.90 -12.15 -3.19
N PRO B 148 -6.77 -11.85 -1.89
CA PRO B 148 -7.20 -12.82 -0.88
C PRO B 148 -8.68 -12.72 -0.56
N TYR B 149 -9.25 -13.88 -0.24
CA TYR B 149 -10.62 -14.03 0.25
C TYR B 149 -10.54 -14.20 1.76
N VAL B 150 -11.09 -13.25 2.52
CA VAL B 150 -10.88 -13.23 3.96
C VAL B 150 -12.19 -13.03 4.71
N HIS B 151 -12.17 -13.39 5.99
CA HIS B 151 -13.29 -13.07 6.88
C HIS B 151 -12.77 -13.14 8.30
N LYS B 152 -13.43 -12.40 9.19
CA LYS B 152 -13.03 -12.35 10.59
C LYS B 152 -13.96 -13.23 11.41
N ARG B 153 -13.38 -14.15 12.17
CA ARG B 153 -14.11 -15.02 13.09
C ARG B 153 -13.57 -14.72 14.48
N GLY B 154 -14.42 -14.18 15.34
CA GLY B 154 -14.02 -13.84 16.69
C GLY B 154 -12.91 -12.82 16.70
N ASN B 155 -11.73 -13.20 17.15
CA ASN B 155 -10.57 -12.33 17.12
C ASN B 155 -9.54 -12.79 16.10
N ASP B 156 -9.96 -13.58 15.11
CA ASP B 156 -9.07 -14.20 14.14
C ASP B 156 -9.46 -13.77 12.73
N TRP B 157 -8.59 -13.02 12.06
CA TRP B 157 -8.71 -12.83 10.61
C TRP B 157 -8.29 -14.13 9.93
N VAL B 158 -9.13 -14.62 9.03
CA VAL B 158 -8.88 -15.87 8.32
C VAL B 158 -8.80 -15.60 6.83
N VAL B 159 -7.82 -16.22 6.17
CA VAL B 159 -7.78 -16.22 4.71
C VAL B 159 -8.09 -17.62 4.21
N CYS B 160 -9.03 -17.72 3.27
CA CYS B 160 -9.44 -19.06 2.82
C CYS B 160 -9.27 -19.29 1.32
N GLY B 161 -8.79 -18.31 0.57
CA GLY B 161 -8.55 -18.55 -0.84
C GLY B 161 -7.96 -17.32 -1.48
N VAL B 162 -7.56 -17.51 -2.75
CA VAL B 162 -6.95 -16.46 -3.57
C VAL B 162 -7.69 -16.40 -4.91
N HIS B 163 -7.86 -15.18 -5.43
CA HIS B 163 -8.72 -14.99 -6.59
C HIS B 163 -8.15 -15.66 -7.84
N ALA B 164 -9.02 -16.34 -8.59
CA ALA B 164 -8.57 -17.12 -9.73
C ALA B 164 -9.36 -16.88 -11.00
N ALA B 165 -10.64 -16.55 -10.87
CA ALA B 165 -11.48 -16.45 -12.06
C ALA B 165 -12.82 -15.82 -11.72
N ALA B 166 -13.50 -15.37 -12.76
CA ALA B 166 -14.84 -14.81 -12.60
C ALA B 166 -15.64 -15.10 -13.87
N THR B 167 -16.89 -14.65 -13.89
CA THR B 167 -17.75 -14.82 -15.05
C THR B 167 -18.26 -13.48 -15.56
N ASN B 171 -20.54 -11.62 -11.78
CA ASN B 171 -21.50 -11.89 -10.71
C ASN B 171 -21.05 -13.04 -9.83
N THR B 172 -20.33 -13.98 -10.42
CA THR B 172 -19.83 -15.16 -9.72
C THR B 172 -18.31 -15.24 -9.86
N VAL B 173 -17.62 -15.43 -8.74
CA VAL B 173 -16.17 -15.47 -8.73
C VAL B 173 -15.72 -16.82 -8.16
N VAL B 174 -14.46 -17.15 -8.45
CA VAL B 174 -13.84 -18.37 -7.95
C VAL B 174 -12.50 -18.03 -7.32
N CYS B 175 -12.24 -18.56 -6.12
CA CYS B 175 -10.93 -18.51 -5.52
C CYS B 175 -10.32 -19.91 -5.47
N ALA B 176 -9.02 -19.99 -5.77
CA ALA B 176 -8.29 -21.24 -5.59
C ALA B 176 -8.10 -21.49 -4.10
N VAL B 177 -8.26 -22.74 -3.68
CA VAL B 177 -8.07 -23.08 -2.27
C VAL B 177 -6.98 -24.14 -2.16
N GLN B 178 -6.39 -24.21 -0.97
CA GLN B 178 -5.27 -25.11 -0.72
C GLN B 178 -5.75 -26.55 -0.54
C10 TKS C . 18.33 17.10 -0.17
C12 TKS C . 17.09 19.36 0.01
C13 TKS C . 16.54 18.95 1.37
C15 TKS C . 17.27 13.27 2.79
C11 TKS C . 18.25 18.56 -0.56
C14 TKS C . 16.57 17.44 1.61
C17 TKS C . 15.54 11.40 2.81
C18 TKS C . 15.00 10.98 4.17
C20 TKS C . 15.60 10.50 6.52
C22 TKS C . 17.90 9.90 6.27
C23 TKS C . 17.32 10.37 4.92
C25 TKS C . 14.46 11.23 1.74
C29 TKS C . 21.92 14.24 8.68
C01 TKS C . 22.68 15.28 6.55
C02 TKS C . 21.47 15.03 7.47
C03 TKS C . 20.42 14.25 6.67
C05 TKS C . 18.83 14.75 4.98
C07 TKS C . 17.57 14.77 2.79
C08 TKS C . 17.76 15.26 1.37
C09 TKS C . 17.89 16.77 1.25
C19 TKS C . 16.04 11.11 5.27
C30 TKS C . 20.84 16.34 7.92
C31 TKS C . 19.54 16.32 8.43
C32 TKS C . 18.92 17.47 8.85
C34 TKS C . 19.59 18.68 8.75
C35 TKS C . 20.89 18.72 8.24
C36 TKS C . 21.51 17.55 7.82
N06 TKS C . 18.79 14.94 3.55
N16 TKS C . 15.88 12.82 2.82
N21 TKS C . 16.77 9.78 7.15
O04 TKS C . 20.01 15.10 5.64
O24 TKS C . 14.52 10.61 7.00
O26 TKS C . 15.03 11.47 0.47
O27 TKS C . 18.17 12.48 2.73
O28 TKS C . 17.89 14.31 5.58
CL3 TKS C . 17.25 17.40 9.49
C10 TKS D . -6.27 -19.57 -16.15
C12 TKS D . -6.44 -21.49 -14.46
C13 TKS D . -7.11 -20.43 -13.61
C15 TKS D . -8.69 -15.45 -15.31
C11 TKS D . -5.68 -20.85 -15.61
C14 TKS D . -8.19 -19.71 -14.41
C17 TKS D . -8.21 -13.44 -13.89
C18 TKS D . -9.34 -12.69 -13.22
C20 TKS D . -11.72 -12.00 -13.41
C22 TKS D . -11.83 -11.50 -15.76
C23 TKS D . -10.48 -12.19 -15.42
C25 TKS D . -6.92 -13.25 -13.06
C29 TKS D . -15.68 -16.42 -18.29
C01 TKS D . -13.87 -17.66 -19.49
C02 TKS D . -14.43 -17.26 -18.13
C03 TKS D . -13.33 -16.45 -17.42
C05 TKS D . -11.29 -16.89 -16.37
C07 TKS D . -8.99 -16.94 -15.44
C08 TKS D . -7.66 -17.63 -15.70
C09 TKS D . -7.68 -19.18 -15.72
C19 TKS D . -10.64 -12.77 -14.01
C30 TKS D . -14.75 -18.52 -17.30
C31 TKS D . -14.98 -18.40 -15.94
C32 TKS D . -15.27 -19.53 -15.18
C34 TKS D . -15.35 -20.77 -15.78
C35 TKS D . -15.13 -20.90 -17.14
C36 TKS D . -14.83 -19.76 -17.90
N06 TKS D . -9.88 -17.17 -16.55
N16 TKS D . -8.51 -14.85 -14.00
N21 TKS D . -12.44 -11.23 -14.49
O04 TKS D . -12.17 -17.23 -17.39
O24 TKS D . -12.01 -11.97 -12.26
O26 TKS D . -5.83 -13.71 -13.80
O27 TKS D . -8.58 -14.78 -16.28
O28 TKS D . -11.68 -16.39 -15.36
CL3 TKS D . -15.56 -19.36 -13.43
#